data_8BZD
#
_entry.id   8BZD
#
_cell.length_a   82.100
_cell.length_b   111.813
_cell.length_c   62.529
_cell.angle_alpha   90.00
_cell.angle_beta   90.00
_cell.angle_gamma   90.00
#
_symmetry.space_group_name_H-M   'C 2 2 21'
#
loop_
_entity.id
_entity.type
_entity.pdbx_description
1 polymer '14-3-3 protein sigma'
2 polymer 'ERalpha peptide'
3 non-polymer 'MAGNESIUM ION'
4 non-polymer 'De-acetylated Fusicoccin'
5 water water
#
loop_
_entity_poly.entity_id
_entity_poly.type
_entity_poly.pdbx_seq_one_letter_code
_entity_poly.pdbx_strand_id
1 'polypeptide(L)'
;GAMGSMERASLIQKAKLAEQAERYEDMAAFMKGAVEKGEELSCEERNLLSVAYKNVVGGQRAAWRVLSSIEQKSNEEGSE
EKGPEVREYREKVETELQGVCDTVLGLLDSHLIKEAGDAESRVFYLKMKGDYYRYLAEVATGDDKKRIIDSARSAYQEAM
DISKKEMPPTNPIRLGLALNFSVFHYEIANSPEEAISLAKTTFDEAMADLHTLSEDSYKDSTLIMQLLRDNLTLWT
;
A
2 'polypeptide(L)' FPA(TPO)V B
#
loop_
_chem_comp.id
_chem_comp.type
_chem_comp.name
_chem_comp.formula
MG non-polymer 'MAGNESIUM ION' 'Mg 2'
SIT non-polymer 'De-acetylated Fusicoccin' 'C34 H54 O11'
#
# COMPACT_ATOMS: atom_id res chain seq x y z
N GLY A 1 -15.27 -16.10 -11.94
CA GLY A 1 -14.58 -14.82 -12.25
C GLY A 1 -14.82 -14.46 -13.70
N ALA A 2 -15.07 -13.16 -13.95
CA ALA A 2 -15.31 -12.68 -15.30
C ALA A 2 -14.08 -12.83 -16.17
N MET A 3 -12.91 -12.96 -15.57
CA MET A 3 -11.67 -13.24 -16.29
C MET A 3 -11.33 -14.72 -16.42
N GLY A 4 -12.19 -15.61 -15.95
CA GLY A 4 -11.88 -17.03 -15.96
C GLY A 4 -11.65 -17.61 -17.34
N SER A 5 -12.28 -17.04 -18.38
CA SER A 5 -12.13 -17.55 -19.73
C SER A 5 -10.94 -16.97 -20.48
N MET A 6 -10.25 -15.99 -19.92
CA MET A 6 -9.09 -15.40 -20.58
C MET A 6 -7.77 -16.03 -20.18
N GLU A 7 -6.93 -16.26 -21.18
CA GLU A 7 -5.58 -16.77 -20.95
C GLU A 7 -4.81 -15.88 -19.97
N ARG A 8 -4.03 -16.54 -19.12
CA ARG A 8 -3.16 -15.81 -18.19
C ARG A 8 -2.29 -14.79 -18.93
N ALA A 9 -1.63 -15.21 -20.03
CA ALA A 9 -0.73 -14.30 -20.74
C ALA A 9 -1.50 -13.10 -21.30
N SER A 10 -2.75 -13.33 -21.73
CA SER A 10 -3.58 -12.26 -22.25
C SER A 10 -3.96 -11.26 -21.16
N LEU A 11 -4.25 -11.77 -19.96
CA LEU A 11 -4.53 -10.91 -18.82
C LEU A 11 -3.33 -10.02 -18.48
N ILE A 12 -2.13 -10.60 -18.47
CA ILE A 12 -0.92 -9.82 -18.21
C ILE A 12 -0.70 -8.78 -19.30
N GLN A 13 -0.90 -9.17 -20.56
CA GLN A 13 -0.73 -8.23 -21.67
C GLN A 13 -1.72 -7.07 -21.51
N LYS A 14 -2.98 -7.38 -21.20
CA LYS A 14 -3.99 -6.34 -21.08
C LYS A 14 -3.76 -5.47 -19.84
N ALA A 15 -3.24 -6.05 -18.75
CA ALA A 15 -2.87 -5.22 -17.61
C ALA A 15 -1.83 -4.18 -18.00
N LYS A 16 -0.87 -4.55 -18.85
CA LYS A 16 0.15 -3.60 -19.30
C LYS A 16 -0.46 -2.54 -20.22
N LEU A 17 -1.42 -2.92 -21.08
CA LEU A 17 -2.12 -1.92 -21.89
C LEU A 17 -2.92 -0.95 -21.03
N ALA A 18 -3.62 -1.50 -20.03
CA ALA A 18 -4.40 -0.68 -19.11
C ALA A 18 -3.51 0.30 -18.36
N GLU A 19 -2.32 -0.14 -17.95
CA GLU A 19 -1.38 0.78 -17.32
C GLU A 19 -1.02 1.93 -18.26
N GLN A 20 -0.73 1.61 -19.53
CA GLN A 20 -0.35 2.66 -20.49
C GLN A 20 -1.49 3.67 -20.69
N ALA A 21 -2.74 3.20 -20.65
CA ALA A 21 -3.92 4.02 -20.79
C ALA A 21 -4.41 4.63 -19.48
N GLU A 22 -3.71 4.38 -18.37
CA GLU A 22 -4.10 4.87 -17.04
C GLU A 22 -5.52 4.44 -16.67
N ARG A 23 -5.86 3.22 -17.04
CA ARG A 23 -7.14 2.58 -16.72
C ARG A 23 -6.89 1.61 -15.56
N TYR A 24 -6.75 2.16 -14.37
CA TYR A 24 -6.24 1.34 -13.26
C TYR A 24 -7.30 0.36 -12.74
N GLU A 25 -8.59 0.70 -12.79
CA GLU A 25 -9.61 -0.27 -12.44
C GLU A 25 -9.53 -1.51 -13.33
N ASP A 26 -9.42 -1.30 -14.65
CA ASP A 26 -9.26 -2.42 -15.57
C ASP A 26 -7.97 -3.19 -15.26
N MET A 27 -6.88 -2.46 -15.07
CA MET A 27 -5.59 -3.05 -14.73
C MET A 27 -5.72 -3.97 -13.52
N ALA A 28 -6.38 -3.50 -12.46
CA ALA A 28 -6.55 -4.32 -11.26
C ALA A 28 -7.40 -5.55 -11.55
N ALA A 29 -8.46 -5.38 -12.34
CA ALA A 29 -9.30 -6.53 -12.66
C ALA A 29 -8.55 -7.58 -13.50
N PHE A 30 -7.71 -7.16 -14.44
CA PHE A 30 -6.90 -8.11 -15.20
C PHE A 30 -5.93 -8.83 -14.27
N MET A 31 -5.27 -8.09 -13.37
CA MET A 31 -4.30 -8.72 -12.48
C MET A 31 -4.96 -9.66 -11.47
N LYS A 32 -6.15 -9.29 -10.97
CA LYS A 32 -6.92 -10.21 -10.13
C LYS A 32 -7.19 -11.51 -10.90
N GLY A 33 -7.60 -11.38 -12.16
CA GLY A 33 -7.80 -12.55 -12.99
C GLY A 33 -6.55 -13.39 -13.12
N ALA A 34 -5.41 -12.73 -13.32
CA ALA A 34 -4.16 -13.45 -13.46
C ALA A 34 -3.80 -14.18 -12.18
N VAL A 35 -3.96 -13.51 -11.04
CA VAL A 35 -3.65 -14.15 -9.76
C VAL A 35 -4.53 -15.39 -9.59
N GLU A 36 -5.79 -15.28 -9.98
CA GLU A 36 -6.73 -16.38 -9.77
C GLU A 36 -6.47 -17.57 -10.68
N LYS A 37 -5.55 -17.47 -11.64
CA LYS A 37 -5.11 -18.65 -12.39
C LYS A 37 -4.34 -19.62 -11.51
N GLY A 38 -3.85 -19.18 -10.35
CA GLY A 38 -3.27 -20.08 -9.38
C GLY A 38 -1.78 -20.22 -9.44
N GLU A 39 -1.11 -19.62 -10.41
CA GLU A 39 0.34 -19.66 -10.50
C GLU A 39 0.95 -18.47 -9.78
N GLU A 40 2.18 -18.64 -9.32
CA GLU A 40 2.90 -17.53 -8.72
C GLU A 40 3.09 -16.41 -9.75
N LEU A 41 3.18 -15.19 -9.24
CA LEU A 41 3.51 -14.02 -10.04
C LEU A 41 5.02 -13.83 -10.10
N SER A 42 5.50 -13.46 -11.27
CA SER A 42 6.87 -13.02 -11.43
C SER A 42 7.08 -11.64 -10.81
N CYS A 43 8.35 -11.22 -10.78
CA CYS A 43 8.68 -9.91 -10.24
C CYS A 43 7.94 -8.79 -10.96
N GLU A 44 7.95 -8.81 -12.29
CA GLU A 44 7.28 -7.77 -13.07
C GLU A 44 5.77 -7.81 -12.84
N GLU A 45 5.22 -9.02 -12.75
CA GLU A 45 3.77 -9.18 -12.56
C GLU A 45 3.34 -8.68 -11.18
N ARG A 46 4.15 -8.92 -10.15
CA ARG A 46 3.85 -8.38 -8.83
C ARG A 46 3.73 -6.87 -8.88
N ASN A 47 4.63 -6.20 -9.60
CA ASN A 47 4.58 -4.76 -9.72
C ASN A 47 3.30 -4.29 -10.42
N LEU A 48 2.85 -5.02 -11.44
CA LEU A 48 1.58 -4.67 -12.06
C LEU A 48 0.43 -4.77 -11.08
N LEU A 49 0.40 -5.83 -10.28
CA LEU A 49 -0.64 -6.00 -9.29
C LEU A 49 -0.63 -4.84 -8.33
N SER A 50 0.54 -4.51 -7.78
CA SER A 50 0.59 -3.50 -6.73
C SER A 50 0.26 -2.13 -7.26
N VAL A 51 0.73 -1.79 -8.46
CA VAL A 51 0.48 -0.46 -9.01
C VAL A 51 -1.00 -0.29 -9.30
N ALA A 52 -1.63 -1.32 -9.84
CA ALA A 52 -3.04 -1.23 -10.19
C ALA A 52 -3.87 -0.89 -8.96
N TYR A 53 -3.77 -1.72 -7.91
CA TYR A 53 -4.59 -1.49 -6.73
C TYR A 53 -4.15 -0.25 -5.96
N LYS A 54 -2.85 0.07 -5.96
CA LYS A 54 -2.42 1.31 -5.29
C LYS A 54 -3.12 2.51 -5.91
N ASN A 55 -3.26 2.51 -7.23
CA ASN A 55 -3.87 3.64 -7.89
C ASN A 55 -5.39 3.65 -7.71
N VAL A 56 -6.04 2.50 -7.76
CA VAL A 56 -7.48 2.46 -7.50
C VAL A 56 -7.77 2.99 -6.10
N VAL A 57 -7.14 2.40 -5.10
CA VAL A 57 -7.46 2.80 -3.73
C VAL A 57 -6.92 4.19 -3.47
N GLY A 58 -5.85 4.61 -4.14
CA GLY A 58 -5.37 5.97 -3.97
C GLY A 58 -6.41 7.01 -4.35
N GLY A 59 -7.08 6.80 -5.48
CA GLY A 59 -8.14 7.70 -5.86
C GLY A 59 -9.31 7.67 -4.90
N GLN A 60 -9.65 6.49 -4.37
CA GLN A 60 -10.74 6.40 -3.41
C GLN A 60 -10.39 7.14 -2.13
N ARG A 61 -9.14 6.99 -1.67
CA ARG A 61 -8.67 7.67 -0.48
C ARG A 61 -8.72 9.17 -0.67
N ALA A 62 -8.25 9.68 -1.81
CA ALA A 62 -8.32 11.12 -2.06
C ALA A 62 -9.76 11.62 -1.99
N ALA A 63 -10.69 10.88 -2.62
CA ALA A 63 -12.08 11.30 -2.61
C ALA A 63 -12.66 11.22 -1.19
N TRP A 64 -12.37 10.13 -0.47
CA TRP A 64 -12.80 9.99 0.92
C TRP A 64 -12.32 11.16 1.77
N ARG A 65 -11.08 11.61 1.56
CA ARG A 65 -10.56 12.72 2.36
C ARG A 65 -11.30 14.01 2.07
N VAL A 66 -11.62 14.27 0.81
CA VAL A 66 -12.39 15.46 0.46
C VAL A 66 -13.73 15.43 1.18
N LEU A 67 -14.42 14.30 1.12
CA LEU A 67 -15.76 14.20 1.68
C LEU A 67 -15.72 14.23 3.20
N SER A 68 -14.76 13.54 3.82
CA SER A 68 -14.65 13.57 5.27
C SER A 68 -14.39 14.99 5.75
N SER A 69 -13.61 15.77 4.99
CA SER A 69 -13.34 17.14 5.41
C SER A 69 -14.62 17.97 5.35
N ILE A 70 -15.39 17.83 4.28
CA ILE A 70 -16.68 18.52 4.19
C ILE A 70 -17.58 18.11 5.35
N GLU A 71 -17.60 16.81 5.66
CA GLU A 71 -18.45 16.29 6.72
C GLU A 71 -18.05 16.89 8.07
N GLN A 72 -16.75 16.96 8.33
CA GLN A 72 -16.29 17.50 9.62
C GLN A 72 -16.63 18.97 9.74
N LYS A 73 -16.50 19.72 8.63
CA LYS A 73 -16.89 21.12 8.66
C LYS A 73 -18.39 21.24 8.93
N SER A 74 -19.19 20.38 8.29
CA SER A 74 -20.63 20.39 8.49
C SER A 74 -21.03 20.08 9.93
N ASN A 75 -20.10 19.60 10.76
CA ASN A 75 -20.37 19.26 12.14
C ASN A 75 -19.70 20.22 13.12
N GLU A 76 -19.27 21.39 12.63
CA GLU A 76 -18.67 22.41 13.49
C GLU A 76 -19.76 23.34 14.02
N GLU A 77 -19.41 24.08 15.08
CA GLU A 77 -20.32 25.07 15.64
C GLU A 77 -20.61 26.16 14.61
N GLY A 78 -21.89 26.50 14.46
CA GLY A 78 -22.30 27.53 13.53
C GLY A 78 -22.54 27.04 12.10
N SER A 79 -22.24 25.78 11.81
CA SER A 79 -22.49 25.23 10.49
C SER A 79 -23.97 24.89 10.34
N GLU A 80 -24.50 25.15 9.14
CA GLU A 80 -25.91 24.92 8.87
C GLU A 80 -26.18 23.44 8.58
N GLU A 81 -27.25 22.93 9.17
CA GLU A 81 -27.67 21.55 8.90
C GLU A 81 -28.08 21.41 7.45
N LYS A 82 -27.50 20.41 6.77
CA LYS A 82 -27.80 20.16 5.36
C LYS A 82 -28.36 18.76 5.12
N GLY A 83 -28.61 17.99 6.17
CA GLY A 83 -29.19 16.69 6.03
C GLY A 83 -28.16 15.58 5.95
N PRO A 84 -28.62 14.36 5.65
CA PRO A 84 -27.76 13.18 5.70
C PRO A 84 -26.85 13.00 4.51
N GLU A 85 -26.90 13.86 3.51
CA GLU A 85 -26.30 13.53 2.23
C GLU A 85 -24.79 13.44 2.28
N VAL A 86 -24.11 14.33 3.01
CA VAL A 86 -22.65 14.28 3.05
C VAL A 86 -22.18 12.99 3.70
N ARG A 87 -22.79 12.64 4.84
CA ARG A 87 -22.47 11.37 5.47
C ARG A 87 -22.77 10.19 4.54
N GLU A 88 -23.93 10.21 3.91
CA GLU A 88 -24.31 9.10 3.02
C GLU A 88 -23.26 8.91 1.94
N TYR A 89 -22.85 10.00 1.29
CA TYR A 89 -21.95 9.85 0.15
C TYR A 89 -20.53 9.50 0.62
N ARG A 90 -20.10 10.06 1.75
CA ARG A 90 -18.84 9.62 2.35
C ARG A 90 -18.88 8.12 2.64
N GLU A 91 -20.00 7.63 3.20
CA GLU A 91 -20.15 6.22 3.48
C GLU A 91 -20.11 5.39 2.20
N LYS A 92 -20.73 5.89 1.12
CA LYS A 92 -20.71 5.17 -0.14
C LYS A 92 -19.27 4.97 -0.61
N VAL A 93 -18.50 6.06 -0.67
CA VAL A 93 -17.10 5.97 -1.07
C VAL A 93 -16.32 5.06 -0.12
N GLU A 94 -16.54 5.23 1.18
CA GLU A 94 -15.86 4.41 2.18
C GLU A 94 -16.11 2.92 1.94
N THR A 95 -17.38 2.55 1.71
CA THR A 95 -17.72 1.15 1.52
C THR A 95 -17.07 0.59 0.26
N GLU A 96 -17.01 1.39 -0.82
CA GLU A 96 -16.32 0.96 -2.04
C GLU A 96 -14.83 0.74 -1.76
N LEU A 97 -14.21 1.69 -1.04
CA LEU A 97 -12.80 1.58 -0.67
C LEU A 97 -12.56 0.31 0.14
N GLN A 98 -13.40 0.10 1.16
CA GLN A 98 -13.27 -1.12 1.97
C GLN A 98 -13.38 -2.37 1.09
N GLY A 99 -14.27 -2.35 0.12
CA GLY A 99 -14.43 -3.50 -0.75
C GLY A 99 -13.19 -3.81 -1.56
N VAL A 100 -12.52 -2.77 -2.05
CA VAL A 100 -11.30 -3.00 -2.80
C VAL A 100 -10.20 -3.50 -1.88
N CYS A 101 -10.06 -2.90 -0.71
CA CYS A 101 -9.09 -3.40 0.27
C CYS A 101 -9.35 -4.87 0.60
N ASP A 102 -10.62 -5.23 0.83
CA ASP A 102 -10.94 -6.62 1.15
C ASP A 102 -10.58 -7.54 0.00
N THR A 103 -10.80 -7.08 -1.24
CA THR A 103 -10.46 -7.88 -2.41
C THR A 103 -8.97 -8.14 -2.47
N VAL A 104 -8.16 -7.11 -2.25
CA VAL A 104 -6.71 -7.27 -2.29
C VAL A 104 -6.27 -8.20 -1.17
N LEU A 105 -6.75 -7.95 0.06
CA LEU A 105 -6.35 -8.80 1.17
C LEU A 105 -6.76 -10.25 0.91
N GLY A 106 -7.90 -10.46 0.26
CA GLY A 106 -8.30 -11.82 -0.11
C GLY A 106 -7.36 -12.49 -1.08
N LEU A 107 -6.89 -11.74 -2.09
CA LEU A 107 -5.92 -12.29 -3.03
C LEU A 107 -4.63 -12.65 -2.30
N LEU A 108 -4.19 -11.79 -1.39
CA LEU A 108 -2.95 -12.06 -0.68
C LEU A 108 -3.11 -13.30 0.18
N ASP A 109 -4.27 -13.46 0.81
CA ASP A 109 -4.54 -14.62 1.65
C ASP A 109 -4.88 -15.87 0.84
N SER A 110 -5.27 -15.73 -0.45
CA SER A 110 -5.72 -16.84 -1.31
C SER A 110 -5.17 -16.69 -2.74
N HIS A 111 -3.89 -16.99 -2.97
CA HIS A 111 -3.04 -17.74 -2.05
C HIS A 111 -1.61 -17.21 -2.24
N LEU A 112 -1.49 -15.90 -2.49
CA LEU A 112 -0.18 -15.34 -2.81
C LEU A 112 0.81 -15.46 -1.66
N ILE A 113 0.41 -15.11 -0.44
CA ILE A 113 1.37 -15.14 0.66
C ILE A 113 1.79 -16.58 0.96
N LYS A 114 0.84 -17.50 1.02
CA LYS A 114 1.21 -18.84 1.44
C LYS A 114 2.20 -19.50 0.47
N GLU A 115 2.17 -19.16 -0.81
CA GLU A 115 3.05 -19.78 -1.79
C GLU A 115 4.34 -19.00 -2.04
N ALA A 116 4.54 -17.86 -1.40
CA ALA A 116 5.71 -17.02 -1.64
C ALA A 116 6.82 -17.41 -0.68
N GLY A 117 7.91 -17.96 -1.22
CA GLY A 117 9.01 -18.44 -0.41
C GLY A 117 10.27 -17.61 -0.52
N ASP A 118 10.52 -17.04 -1.70
CA ASP A 118 11.66 -16.15 -1.87
C ASP A 118 11.42 -14.85 -1.13
N ALA A 119 12.50 -14.29 -0.57
CA ALA A 119 12.35 -13.13 0.29
C ALA A 119 11.67 -11.98 -0.46
N GLU A 120 12.11 -11.71 -1.69
CA GLU A 120 11.53 -10.62 -2.46
C GLU A 120 10.01 -10.72 -2.45
N SER A 121 9.47 -11.86 -2.91
CA SER A 121 8.02 -11.99 -3.06
C SER A 121 7.33 -11.96 -1.71
N ARG A 122 7.87 -12.66 -0.71
CA ARG A 122 7.21 -12.72 0.60
C ARG A 122 7.11 -11.33 1.20
N VAL A 123 8.21 -10.58 1.22
CA VAL A 123 8.22 -9.22 1.75
C VAL A 123 7.27 -8.33 0.96
N PHE A 124 7.30 -8.45 -0.36
CA PHE A 124 6.43 -7.65 -1.21
C PHE A 124 4.96 -7.83 -0.84
N TYR A 125 4.51 -9.08 -0.73
CA TYR A 125 3.11 -9.33 -0.42
C TYR A 125 2.78 -8.94 1.01
N LEU A 126 3.69 -9.18 1.97
CA LEU A 126 3.38 -8.75 3.33
C LEU A 126 3.34 -7.24 3.46
N LYS A 127 4.20 -6.51 2.73
CA LYS A 127 4.07 -5.07 2.68
C LYS A 127 2.70 -4.67 2.14
N MET A 128 2.26 -5.29 1.05
CA MET A 128 0.93 -4.98 0.54
C MET A 128 -0.13 -5.23 1.60
N LYS A 129 -0.02 -6.35 2.32
CA LYS A 129 -0.99 -6.67 3.36
C LYS A 129 -1.02 -5.57 4.42
N GLY A 130 0.13 -5.09 4.85
CA GLY A 130 0.17 -3.95 5.77
C GLY A 130 -0.45 -2.70 5.17
N ASP A 131 -0.14 -2.42 3.90
CA ASP A 131 -0.69 -1.24 3.24
C ASP A 131 -2.21 -1.25 3.23
N TYR A 132 -2.82 -2.39 2.85
CA TYR A 132 -4.29 -2.42 2.70
C TYR A 132 -4.98 -2.48 4.05
N TYR A 133 -4.35 -3.06 5.08
CA TYR A 133 -4.90 -2.89 6.43
C TYR A 133 -4.74 -1.44 6.89
N ARG A 134 -3.65 -0.78 6.53
CA ARG A 134 -3.48 0.63 6.85
C ARG A 134 -4.59 1.48 6.22
N TYR A 135 -4.93 1.21 4.95
CA TYR A 135 -6.02 1.97 4.33
C TYR A 135 -7.35 1.67 5.01
N LEU A 136 -7.61 0.42 5.40
CA LEU A 136 -8.79 0.14 6.22
C LEU A 136 -8.74 0.92 7.53
N ALA A 137 -7.57 1.03 8.14
CA ALA A 137 -7.46 1.77 9.42
C ALA A 137 -7.75 3.25 9.25
N GLU A 138 -7.39 3.83 8.09
CA GLU A 138 -7.60 5.26 7.90
C GLU A 138 -9.07 5.64 8.02
N VAL A 139 -9.98 4.72 7.69
CA VAL A 139 -11.42 5.01 7.69
C VAL A 139 -12.15 4.32 8.82
N ALA A 140 -11.45 3.56 9.66
CA ALA A 140 -12.09 2.75 10.70
C ALA A 140 -12.38 3.64 11.90
N THR A 141 -13.56 3.43 12.50
CA THR A 141 -14.05 4.17 13.66
C THR A 141 -14.59 3.27 14.77
N GLY A 142 -15.25 2.15 14.46
CA GLY A 142 -16.01 1.40 15.45
C GLY A 142 -15.14 0.48 16.29
N ASP A 143 -15.75 -0.61 16.76
CA ASP A 143 -15.07 -1.59 17.60
C ASP A 143 -13.93 -2.29 16.88
N ASP A 144 -13.69 -1.95 15.62
CA ASP A 144 -12.77 -2.68 14.76
C ASP A 144 -11.43 -2.00 14.60
N LYS A 145 -11.32 -0.70 14.92
CA LYS A 145 -10.11 0.03 14.55
C LYS A 145 -8.88 -0.63 15.16
N LYS A 146 -8.93 -1.02 16.41
CA LYS A 146 -7.69 -1.49 17.05
C LYS A 146 -7.23 -2.80 16.42
N ARG A 147 -8.16 -3.68 16.06
CA ARG A 147 -7.74 -4.94 15.47
C ARG A 147 -7.18 -4.71 14.06
N ILE A 148 -7.78 -3.78 13.33
CA ILE A 148 -7.29 -3.45 11.99
C ILE A 148 -5.88 -2.90 12.08
N ILE A 149 -5.65 -1.96 12.99
CA ILE A 149 -4.32 -1.42 13.21
C ILE A 149 -3.34 -2.53 13.56
N ASP A 150 -3.76 -3.45 14.43
CA ASP A 150 -2.86 -4.54 14.83
C ASP A 150 -2.53 -5.44 13.65
N SER A 151 -3.51 -5.68 12.76
CA SER A 151 -3.27 -6.49 11.57
C SER A 151 -2.25 -5.84 10.64
N ALA A 152 -2.38 -4.52 10.46
CA ALA A 152 -1.40 -3.79 9.66
C ALA A 152 0.00 -3.93 10.27
N ARG A 153 0.11 -3.66 11.58
CA ARG A 153 1.40 -3.75 12.28
C ARG A 153 2.00 -5.14 12.15
N SER A 154 1.19 -6.19 12.35
CA SER A 154 1.69 -7.56 12.31
C SER A 154 2.27 -7.90 10.93
N ALA A 155 1.58 -7.49 9.86
CA ALA A 155 2.04 -7.75 8.51
C ALA A 155 3.34 -7.00 8.20
N TYR A 156 3.37 -5.70 8.52
CA TYR A 156 4.57 -4.90 8.35
C TYR A 156 5.73 -5.48 9.14
N GLN A 157 5.46 -5.93 10.36
CA GLN A 157 6.55 -6.43 11.20
C GLN A 157 7.14 -7.71 10.65
N GLU A 158 6.29 -8.64 10.20
CA GLU A 158 6.83 -9.87 9.61
C GLU A 158 7.66 -9.54 8.38
N ALA A 159 7.15 -8.64 7.53
CA ALA A 159 7.91 -8.21 6.36
C ALA A 159 9.24 -7.61 6.76
N MET A 160 9.22 -6.76 7.80
CA MET A 160 10.45 -6.13 8.25
C MET A 160 11.46 -7.17 8.69
N ASP A 161 11.01 -8.15 9.47
CA ASP A 161 11.95 -9.14 10.00
C ASP A 161 12.61 -9.90 8.86
N ILE A 162 11.83 -10.29 7.84
CA ILE A 162 12.39 -11.00 6.70
C ILE A 162 13.33 -10.10 5.91
N SER A 163 12.94 -8.85 5.70
CA SER A 163 13.73 -7.94 4.87
C SER A 163 15.10 -7.70 5.50
N LYS A 164 15.15 -7.58 6.82
CA LYS A 164 16.45 -7.32 7.46
C LYS A 164 17.34 -8.54 7.44
N LYS A 165 16.75 -9.73 7.46
CA LYS A 165 17.54 -10.96 7.38
C LYS A 165 17.99 -11.30 5.98
N GLU A 166 17.19 -11.00 4.95
CA GLU A 166 17.38 -11.60 3.63
C GLU A 166 17.69 -10.63 2.48
N MET A 167 17.61 -9.34 2.69
CA MET A 167 17.78 -8.30 1.71
C MET A 167 18.83 -7.29 2.13
N PRO A 168 19.60 -6.75 1.19
CA PRO A 168 20.49 -5.66 1.52
C PRO A 168 19.73 -4.40 1.85
N PRO A 169 20.34 -3.49 2.60
CA PRO A 169 19.62 -2.28 3.04
C PRO A 169 19.14 -1.40 1.92
N THR A 170 19.72 -1.52 0.73
CA THR A 170 19.36 -0.68 -0.39
C THR A 170 18.31 -1.33 -1.30
N ASN A 171 17.87 -2.54 -0.97
CA ASN A 171 16.86 -3.21 -1.77
CA ASN A 171 16.86 -3.21 -1.77
C ASN A 171 15.60 -2.36 -1.85
N PRO A 172 15.06 -2.07 -3.04
CA PRO A 172 13.94 -1.13 -3.11
C PRO A 172 12.72 -1.59 -2.32
N ILE A 173 12.45 -2.90 -2.32
CA ILE A 173 11.30 -3.40 -1.57
C ILE A 173 11.53 -3.19 -0.07
N ARG A 174 12.73 -3.52 0.41
CA ARG A 174 13.07 -3.25 1.80
C ARG A 174 12.89 -1.77 2.14
N LEU A 175 13.39 -0.88 1.28
CA LEU A 175 13.28 0.55 1.51
C LEU A 175 11.84 1.01 1.53
N GLY A 176 11.05 0.55 0.55
CA GLY A 176 9.65 0.98 0.46
C GLY A 176 8.82 0.46 1.62
N LEU A 177 9.08 -0.77 2.05
CA LEU A 177 8.45 -1.30 3.25
C LEU A 177 8.73 -0.40 4.45
N ALA A 178 10.01 -0.06 4.67
CA ALA A 178 10.36 0.80 5.80
C ALA A 178 9.73 2.17 5.69
N LEU A 179 9.71 2.77 4.48
CA LEU A 179 9.01 4.03 4.28
C LEU A 179 7.56 3.95 4.74
N ASN A 180 6.84 2.93 4.30
CA ASN A 180 5.41 2.85 4.59
C ASN A 180 5.15 2.48 6.03
N PHE A 181 5.96 1.59 6.61
CA PHE A 181 5.80 1.25 8.04
C PHE A 181 6.06 2.47 8.91
N SER A 182 7.03 3.30 8.52
CA SER A 182 7.28 4.54 9.24
C SER A 182 6.06 5.46 9.14
N VAL A 183 5.43 5.54 7.98
CA VAL A 183 4.20 6.33 7.88
C VAL A 183 3.08 5.73 8.73
N PHE A 184 2.96 4.41 8.73
CA PHE A 184 2.01 3.74 9.64
C PHE A 184 2.22 4.22 11.08
N HIS A 185 3.47 4.22 11.54
CA HIS A 185 3.72 4.64 12.91
C HIS A 185 3.30 6.08 13.14
N TYR A 186 3.61 6.97 12.20
CA TYR A 186 3.34 8.39 12.40
C TYR A 186 1.85 8.70 12.34
N GLU A 187 1.15 8.17 11.32
CA GLU A 187 -0.19 8.61 10.96
C GLU A 187 -1.30 7.73 11.52
N ILE A 188 -1.01 6.46 11.80
CA ILE A 188 -2.00 5.48 12.26
C ILE A 188 -1.80 5.13 13.73
N ALA A 189 -0.58 4.81 14.13
CA ALA A 189 -0.31 4.21 15.43
C ALA A 189 0.06 5.23 16.50
N ASN A 190 0.01 6.51 16.20
CA ASN A 190 0.32 7.54 17.20
C ASN A 190 1.72 7.34 17.80
N SER A 191 2.69 7.05 16.95
CA SER A 191 4.05 6.74 17.38
C SER A 191 5.05 7.52 16.52
N PRO A 192 4.98 8.85 16.55
CA PRO A 192 5.89 9.65 15.73
C PRO A 192 7.35 9.39 16.02
N GLU A 193 7.72 9.09 17.27
CA GLU A 193 9.14 8.84 17.54
C GLU A 193 9.62 7.58 16.85
N GLU A 194 8.80 6.53 16.86
CA GLU A 194 9.15 5.30 16.15
C GLU A 194 9.22 5.55 14.65
N ALA A 195 8.28 6.33 14.13
CA ALA A 195 8.28 6.69 12.71
C ALA A 195 9.58 7.38 12.31
N ILE A 196 10.01 8.36 13.11
CA ILE A 196 11.23 9.10 12.81
C ILE A 196 12.45 8.20 12.94
N SER A 197 12.52 7.41 14.02
CA SER A 197 13.65 6.49 14.20
C SER A 197 13.79 5.52 13.05
N LEU A 198 12.68 4.93 12.62
CA LEU A 198 12.74 3.97 11.53
C LEU A 198 13.20 4.63 10.25
N ALA A 199 12.64 5.81 9.94
CA ALA A 199 13.03 6.48 8.71
C ALA A 199 14.51 6.81 8.72
N LYS A 200 15.03 7.28 9.87
CA LYS A 200 16.43 7.70 9.92
C LYS A 200 17.37 6.51 9.83
N THR A 201 17.09 5.46 10.61
CA THR A 201 17.93 4.28 10.57
C THR A 201 17.94 3.67 9.18
N THR A 202 16.76 3.58 8.55
CA THR A 202 16.67 3.04 7.20
C THR A 202 17.51 3.87 6.23
N PHE A 203 17.36 5.19 6.29
CA PHE A 203 18.10 6.07 5.38
C PHE A 203 19.59 5.90 5.57
N ASP A 204 20.04 5.96 6.83
CA ASP A 204 21.47 5.92 7.11
C ASP A 204 22.09 4.59 6.67
N GLU A 205 21.42 3.46 6.92
CA GLU A 205 21.98 2.17 6.55
C GLU A 205 21.98 1.97 5.04
N ALA A 206 21.03 2.57 4.33
CA ALA A 206 21.05 2.51 2.88
C ALA A 206 22.19 3.35 2.32
N MET A 207 22.40 4.54 2.87
CA MET A 207 23.51 5.38 2.43
C MET A 207 24.81 4.60 2.44
N ALA A 208 25.05 3.83 3.51
CA ALA A 208 26.29 3.11 3.70
C ALA A 208 26.42 1.87 2.82
N ASP A 209 25.35 1.48 2.12
CA ASP A 209 25.35 0.32 1.24
C ASP A 209 25.30 0.70 -0.23
N LEU A 210 25.23 1.99 -0.53
CA LEU A 210 25.12 2.42 -1.91
C LEU A 210 26.37 2.05 -2.73
N HIS A 211 27.52 1.95 -2.09
CA HIS A 211 28.75 1.68 -2.81
C HIS A 211 28.67 0.28 -3.45
N THR A 212 27.54 -0.42 -3.24
CA THR A 212 27.27 -1.68 -3.91
C THR A 212 25.97 -1.75 -4.70
N LEU A 213 25.12 -0.73 -4.65
CA LEU A 213 23.81 -0.84 -5.28
C LEU A 213 23.86 -0.74 -6.81
N SER A 214 22.86 -1.39 -7.41
CA SER A 214 22.83 -1.60 -8.85
C SER A 214 22.42 -0.33 -9.60
N GLU A 215 22.85 -0.19 -10.87
CA GLU A 215 22.28 0.89 -11.70
C GLU A 215 20.81 0.63 -12.06
N ASP A 216 20.39 -0.64 -12.00
CA ASP A 216 18.99 -1.00 -12.23
C ASP A 216 18.09 -0.42 -11.16
N SER A 217 18.45 -0.60 -9.89
CA SER A 217 17.64 -0.19 -8.77
C SER A 217 17.95 1.23 -8.31
N TYR A 218 19.04 1.81 -8.81
CA TYR A 218 19.48 3.11 -8.31
C TYR A 218 18.34 4.12 -8.30
N LYS A 219 17.64 4.25 -9.42
CA LYS A 219 16.61 5.28 -9.50
C LYS A 219 15.45 4.93 -8.57
N ASP A 220 15.05 3.66 -8.49
CA ASP A 220 14.01 3.31 -7.53
C ASP A 220 14.45 3.60 -6.10
N SER A 221 15.67 3.14 -5.75
CA SER A 221 16.15 3.23 -4.37
C SER A 221 16.48 4.66 -4.00
N THR A 222 17.04 5.44 -4.93
CA THR A 222 17.33 6.84 -4.60
C THR A 222 16.03 7.61 -4.45
N LEU A 223 15.04 7.28 -5.30
CA LEU A 223 13.70 7.87 -5.16
C LEU A 223 13.17 7.61 -3.77
N ILE A 224 13.22 6.33 -3.32
CA ILE A 224 12.64 5.99 -2.03
C ILE A 224 13.47 6.61 -0.90
N MET A 225 14.81 6.58 -1.03
CA MET A 225 15.64 7.26 -0.02
C MET A 225 15.27 8.74 0.06
N GLN A 226 15.05 9.39 -1.08
CA GLN A 226 14.61 10.77 -1.06
C GLN A 226 13.24 10.92 -0.41
N LEU A 227 12.36 9.93 -0.57
CA LEU A 227 11.06 10.00 0.09
C LEU A 227 11.21 9.85 1.60
N LEU A 228 12.13 8.99 2.05
CA LEU A 228 12.44 8.93 3.48
C LEU A 228 12.93 10.28 3.98
N ARG A 229 13.86 10.91 3.24
CA ARG A 229 14.33 12.23 3.63
C ARG A 229 13.19 13.25 3.63
N ASP A 230 12.33 13.21 2.61
CA ASP A 230 11.21 14.13 2.57
C ASP A 230 10.35 14.00 3.83
N ASN A 231 10.05 12.76 4.23
CA ASN A 231 9.21 12.58 5.39
C ASN A 231 9.90 13.05 6.65
N LEU A 232 11.20 12.75 6.79
CA LEU A 232 11.94 13.24 7.94
C LEU A 232 11.91 14.78 8.00
N THR A 233 12.03 15.45 6.84
CA THR A 233 11.96 16.92 6.83
C THR A 233 10.58 17.42 7.24
N LEU A 234 9.53 16.71 6.84
CA LEU A 234 8.18 17.06 7.25
C LEU A 234 7.99 16.89 8.75
N TRP A 235 8.69 15.94 9.37
CA TRP A 235 8.43 15.52 10.72
C TRP A 235 9.35 16.13 11.75
N THR A 236 10.37 16.87 11.33
CA THR A 236 11.36 17.38 12.26
C THR A 236 11.71 18.85 11.99
N PHE B 1 -0.03 15.14 3.35
CA PHE B 1 0.22 13.75 3.71
C PHE B 1 1.69 13.38 3.45
N PRO B 2 2.23 12.47 4.26
CA PRO B 2 3.61 12.00 4.02
C PRO B 2 3.63 11.02 2.86
N ALA B 3 4.83 10.78 2.36
CA ALA B 3 5.01 9.96 1.17
C ALA B 3 5.05 8.47 1.47
N TPO B 4 4.38 7.69 0.63
CA TPO B 4 4.42 6.22 0.65
CB TPO B 4 3.12 5.63 1.27
CG2 TPO B 4 3.03 5.97 2.75
OG1 TPO B 4 2.08 6.20 0.45
P TPO B 4 0.56 5.65 0.67
O1P TPO B 4 -0.21 6.25 -0.59
O2P TPO B 4 -0.02 6.24 1.93
O3P TPO B 4 0.56 4.07 0.66
C TPO B 4 4.64 5.74 -0.78
O TPO B 4 4.53 6.51 -1.75
HA TPO B 4 5.15 5.89 1.22
HB TPO B 4 3.05 4.54 1.26
HG21 TPO B 4 2.12 5.53 3.18
HG22 TPO B 4 3.01 7.05 2.89
HG23 TPO B 4 3.89 5.56 3.28
N VAL B 5 5.03 4.48 -0.93
CA VAL B 5 5.32 3.89 -2.23
C VAL B 5 4.68 2.51 -2.37
MG MG C . 14.27 -0.92 15.58
MG MG D . -4.33 -21.43 -20.11
MG MG E . -18.73 2.92 7.21
C10 SIT F . 6.49 0.11 -7.43
C01 SIT F . 9.90 3.25 -6.40
C02 SIT F . 9.55 2.62 -7.73
C03 SIT F . 9.38 3.67 -8.83
C05 SIT F . 10.91 4.98 -10.17
C06 SIT F . 12.28 5.70 -10.28
C08 SIT F . 8.20 1.87 -7.64
C09 SIT F . 7.97 0.41 -7.75
C11 SIT F . 5.74 1.41 -7.72
C13 SIT F . 6.84 2.52 -7.31
C14 SIT F . 5.95 -1.02 -8.33
C15 SIT F . 6.24 -0.36 -6.01
C16 SIT F . 7.27 -0.62 -4.95
C17 SIT F . 8.85 -0.47 -4.92
C18 SIT F . 9.09 -0.52 -3.52
C19 SIT F . 7.94 -1.55 -2.88
C20 SIT F . 6.80 -1.14 -3.52
C21 SIT F . 5.78 -2.28 -3.74
C23 SIT F . 4.46 -3.73 -2.47
C24 SIT F . 9.59 -1.52 -5.78
C25 SIT F . 8.80 -2.79 -6.09
C26 SIT F . 10.12 -0.78 -7.06
C28 SIT F . 9.15 -0.58 -8.23
C30 SIT F . 9.58 -0.85 -10.49
C31 SIT F . 10.61 -0.41 -11.55
C33 SIT F . 10.30 0.99 -11.96
C35 SIT F . 8.92 1.12 -12.48
C37 SIT F . 7.87 0.61 -11.51
C38 SIT F . 6.50 0.57 -12.14
C40 SIT F . 5.43 -0.27 -14.18
C41 SIT F . 5.90 -0.96 -15.45
C42 SIT F . 4.40 -1.16 -13.52
C43 SIT F . 3.21 -0.72 -13.10
C44 SIT F . 4.97 1.12 -14.52
O04 SIT F . 10.73 4.10 -9.10
O07 SIT F . 10.05 5.15 -10.97
O12 SIT F . 4.60 1.59 -7.01
O22 SIT F . 5.34 -2.64 -2.45
O27 SIT F . 11.16 -1.56 -7.60
O29 SIT F . 9.70 0.01 -9.37
O32 SIT F . 11.90 -0.58 -10.99
O34 SIT F . 11.17 1.36 -13.07
O36 SIT F . 8.59 2.52 -12.70
O39 SIT F . 6.59 -0.28 -13.29
O45 SIT F . 8.23 -0.76 -11.04
H011 SIT F . 10.06 4.20 -6.52
H013 SIT F . 10.71 2.83 -6.05
H012 SIT F . 9.17 3.12 -5.78
H021 SIT F . 10.28 2.02 -7.95
H032 SIT F . 8.97 3.28 -9.62
H031 SIT F . 8.84 4.41 -8.52
H062 SIT F . 12.70 5.47 -11.12
H063 SIT F . 12.86 5.41 -9.55
H061 SIT F . 12.14 6.65 -10.23
H111 SIT F . 5.48 1.43 -8.66
H132 SIT F . 6.71 3.33 -7.84
H131 SIT F . 6.77 2.72 -6.36
H141 SIT F . 6.21 -0.85 -9.25
H142 SIT F . 4.98 -1.06 -8.27
H143 SIT F . 6.33 -1.88 -8.05
H151 SIT F . 5.35 -0.49 -5.77
H171 SIT F . 9.17 0.38 -5.26
H181 SIT F . 8.98 0.36 -3.14
H182 SIT F . 9.97 -0.88 -3.36
H192 SIT F . 7.87 -1.43 -1.92
H191 SIT F . 8.15 -2.47 -3.09
H201 SIT F . 6.39 -0.44 -2.97
H212 SIT F . 6.20 -3.03 -4.17
H211 SIT F . 5.03 -1.97 -4.28
H232 SIT F . 4.28 -4.02 -1.57
H231 SIT F . 4.87 -4.45 -2.98
H233 SIT F . 3.63 -3.46 -2.91
H241 SIT F . 10.32 -1.93 -5.28
H253 SIT F . 8.04 -2.56 -6.67
H252 SIT F . 8.46 -3.17 -5.26
H251 SIT F . 9.36 -3.43 -6.54
H261 SIT F . 10.39 0.10 -6.74
H281 SIT F . 8.87 -1.47 -8.51
H301 SIT F . 9.76 -1.76 -10.21
H311 SIT F . 10.61 -0.96 -12.36
H331 SIT F . 10.44 1.56 -11.19
H351 SIT F . 8.89 0.62 -13.31
H371 SIT F . 7.80 1.23 -10.78
H381 SIT F . 5.86 0.19 -11.51
H382 SIT F . 6.22 1.46 -12.40
H411 SIT F . 6.76 -0.58 -15.72
H412 SIT F . 5.25 -0.82 -16.15
H413 SIT F . 6.00 -1.90 -15.28
H421 SIT F . 4.61 -2.05 -13.39
H431 SIT F . 2.98 0.16 -13.18
H432 SIT F . 2.63 -1.32 -12.69
H443 SIT F . 5.73 1.65 -14.79
H441 SIT F . 4.55 1.52 -13.74
H442 SIT F . 4.32 1.08 -15.24
H121 SIT F . 4.31 2.37 -7.15
H271 SIT F . 11.18 -2.31 -7.19
H321 SIT F . 12.09 -1.42 -10.95
H341 SIT F . 11.63 2.04 -12.85
H361 SIT F . 8.79 2.96 -11.99
#